data_7FO8
#
_entry.id   7FO8
#
_cell.length_a   88.444
_cell.length_b   81.759
_cell.length_c   92.76
_cell.angle_alpha   90
_cell.angle_beta   107.98
_cell.angle_gamma   90
#
_symmetry.space_group_name_H-M   'C 1 2 1'
#
loop_
_entity.id
_entity.type
_entity.pdbx_description
1 polymer 'Pre-mRNA-splicing factor 8'
2 polymer 'A1 cistron-splicing factor AAR2'
3 non-polymer N-[(1E)-2-(hydroxyamino)-2-oxoethylidene]benzamide
4 water water
#
loop_
_entity_poly.entity_id
_entity_poly.type
_entity_poly.pdbx_seq_one_letter_code
_entity_poly.pdbx_strand_id
1 'polypeptide(L)'
;GAMNSSNYAELFNNDIKLFVDDTNVYRVTVHKTFEGNVATKAINGCIFTLNPKTGHLFLKIIHTSVWAGQKRLSQLAKWK
TAEEVSALVRSLPKEEQPKQIIVTRKAMLDPLEVHMLDFPNIAIRPTELRLPFSAAMSIDKLSDVVMKATEPQMVLFNIY
DDWLDRISSYTAFSRLTLLLRALKTNEESAKMILLSDPTITIKSYHLWPSFTDEQWITIESQMRDLILTEYGRKYNVNIS
ALTQTEIKDIILGQNIKA
;
A
2 'polypeptide(L)'
;GAMAMNTVPFTSAPIEVTIGIDQYSFNVKENQPFHGIKDIPIGHVHVIHFQHADNSSMRYGYWFDCRMGNFYIQYDPKDG
LYKMMEERDGAKFENIVHNFKERQMMVSYPKIDEDDTWYNLTEFVQMDKIRKIVRKDENQFSYVDSSMTTVQENELSSSS
SDPAHSLNYTVINFKSREAIRPGHEMEDFLDKSYYLNTVMLQGIFKNSSNYFGELQFAFLNAMFFGNYGSSLQWHAMIEL
ICSSATVPKHMLDKLDEILYYQIKTLPEQYSDILLNERVWNICLYSSFQKNSLHNTEKIMENKYPELL
;
B
#
loop_
_chem_comp.id
_chem_comp.type
_chem_comp.name
_chem_comp.formula
VGU non-polymer N-[(1E)-2-(hydroxyamino)-2-oxoethylidene]benzamide 'C9 H8 N2 O3'
#
# COMPACT_ATOMS: atom_id res chain seq x y z
N GLY A 1 16.30 -0.85 1.00
CA GLY A 1 15.85 -0.10 -0.17
C GLY A 1 16.24 -0.68 -1.51
N ALA A 2 16.25 0.15 -2.55
CA ALA A 2 16.60 -0.31 -3.88
C ALA A 2 18.10 -0.54 -4.00
N MET A 3 18.46 -1.38 -4.96
CA MET A 3 19.84 -1.82 -5.18
C MET A 3 20.40 -1.10 -6.39
N ASN A 4 21.53 -0.41 -6.20
CA ASN A 4 22.13 0.39 -7.27
C ASN A 4 23.65 0.37 -7.15
N SER A 5 24.33 1.16 -8.00
CA SER A 5 25.78 1.10 -8.09
C SER A 5 26.45 1.32 -6.75
N SER A 6 25.84 2.14 -5.89
CA SER A 6 26.49 2.55 -4.66
C SER A 6 26.65 1.36 -3.72
N ASN A 7 25.66 0.48 -3.68
CA ASN A 7 25.73 -0.66 -2.76
C ASN A 7 25.91 -1.96 -3.53
N TYR A 8 26.90 -2.01 -4.41
CA TYR A 8 27.11 -3.13 -5.31
C TYR A 8 27.88 -4.28 -4.67
N ALA A 9 28.78 -3.96 -3.74
CA ALA A 9 29.53 -5.00 -3.05
C ALA A 9 28.65 -5.77 -2.07
N GLU A 10 27.40 -5.35 -1.84
CA GLU A 10 26.62 -6.08 -0.85
C GLU A 10 26.22 -7.46 -1.37
N LEU A 11 26.07 -7.57 -2.68
CA LEU A 11 25.88 -8.85 -3.36
C LEU A 11 26.89 -9.96 -2.97
N PHE A 12 28.13 -9.61 -2.67
CA PHE A 12 29.13 -10.67 -2.47
C PHE A 12 29.46 -10.85 -1.02
N ASN A 13 28.63 -10.31 -0.15
CA ASN A 13 28.93 -10.52 1.25
C ASN A 13 28.37 -11.86 1.65
N ASN A 14 28.34 -12.14 2.95
CA ASN A 14 27.93 -13.47 3.37
C ASN A 14 26.48 -13.59 3.85
N ASP A 15 25.61 -12.60 3.58
CA ASP A 15 24.17 -12.78 3.72
C ASP A 15 23.60 -13.42 2.46
N ILE A 16 22.94 -14.55 2.59
CA ILE A 16 22.36 -15.24 1.44
C ILE A 16 21.35 -14.33 0.74
N LYS A 17 21.54 -14.14 -0.55
CA LYS A 17 20.50 -13.48 -1.33
C LYS A 17 20.31 -14.16 -2.67
N LEU A 18 19.16 -13.82 -3.32
CA LEU A 18 18.83 -14.26 -4.66
C LEU A 18 18.24 -13.11 -5.46
N PHE A 19 18.73 -12.99 -6.69
CA PHE A 19 18.09 -12.20 -7.70
C PHE A 19 17.00 -13.10 -8.26
N VAL A 20 15.83 -12.51 -8.51
CA VAL A 20 14.76 -13.17 -9.25
C VAL A 20 14.53 -12.34 -10.48
N ASP A 21 14.70 -12.93 -11.65
CA ASP A 21 14.33 -12.28 -12.89
C ASP A 21 13.16 -13.02 -13.49
N ASP A 22 12.09 -12.30 -13.85
CA ASP A 22 10.86 -12.90 -14.44
C ASP A 22 10.67 -12.60 -15.93
N THR A 23 11.67 -12.04 -16.62
N THR A 23 11.72 -12.12 -16.64
CA THR A 23 11.42 -11.60 -17.99
CA THR A 23 11.50 -11.59 -17.97
C THR A 23 10.98 -12.76 -18.88
C THR A 23 11.22 -12.70 -19.01
N ASN A 24 11.57 -13.93 -18.69
CA ASN A 24 11.35 -15.06 -19.59
C ASN A 24 10.31 -16.04 -19.08
N VAL A 25 9.46 -15.64 -18.12
CA VAL A 25 8.47 -16.53 -17.58
C VAL A 25 7.36 -16.75 -18.61
N TYR A 26 6.81 -15.66 -19.19
CA TYR A 26 5.72 -15.74 -20.17
C TYR A 26 6.30 -15.25 -21.49
N ARG A 27 6.50 -16.19 -22.40
CA ARG A 27 7.05 -15.98 -23.73
C ARG A 27 6.02 -16.38 -24.77
N VAL A 28 5.83 -15.52 -25.78
CA VAL A 28 4.93 -15.83 -26.87
C VAL A 28 5.62 -15.59 -28.21
N THR A 29 5.07 -16.24 -29.23
CA THR A 29 5.24 -15.85 -30.61
C THR A 29 3.91 -15.27 -31.06
N VAL A 30 3.95 -14.19 -31.83
CA VAL A 30 2.76 -13.55 -32.36
C VAL A 30 2.66 -13.89 -33.83
N HIS A 31 1.45 -14.22 -34.27
CA HIS A 31 1.27 -14.70 -35.64
C HIS A 31 -0.10 -14.33 -36.15
N LYS A 32 -0.26 -14.38 -37.47
CA LYS A 32 -1.53 -14.15 -38.13
C LYS A 32 -2.38 -15.41 -38.13
N THR A 33 -3.67 -15.23 -37.89
CA THR A 33 -4.63 -16.32 -37.98
C THR A 33 -5.16 -16.41 -39.40
N PHE A 34 -5.86 -17.51 -39.70
CA PHE A 34 -6.40 -17.66 -41.03
C PHE A 34 -7.29 -16.49 -41.38
N GLU A 35 -7.98 -15.94 -40.38
CA GLU A 35 -8.91 -14.85 -40.66
C GLU A 35 -8.19 -13.51 -40.75
N GLY A 36 -6.86 -13.54 -40.74
CA GLY A 36 -6.08 -12.31 -40.80
C GLY A 36 -6.06 -11.52 -39.52
N ASN A 37 -6.49 -12.11 -38.42
CA ASN A 37 -6.38 -11.51 -37.11
C ASN A 37 -5.02 -11.90 -36.57
N VAL A 38 -4.70 -11.44 -35.38
CA VAL A 38 -3.44 -11.78 -34.77
C VAL A 38 -3.71 -12.61 -33.55
N ALA A 39 -2.79 -13.50 -33.24
CA ALA A 39 -2.90 -14.39 -32.12
C ALA A 39 -1.51 -14.66 -31.59
N THR A 40 -1.42 -15.03 -30.32
CA THR A 40 -0.18 -15.42 -29.68
C THR A 40 -0.26 -16.91 -29.43
N LYS A 41 0.91 -17.56 -29.46
CA LYS A 41 1.05 -18.95 -29.03
C LYS A 41 2.15 -18.89 -27.98
N ALA A 42 1.84 -19.31 -26.76
CA ALA A 42 2.89 -19.28 -25.73
C ALA A 42 3.96 -20.35 -26.02
N ILE A 43 5.18 -20.11 -25.51
CA ILE A 43 6.21 -21.13 -25.55
C ILE A 43 6.79 -21.26 -24.15
N ASN A 44 7.58 -22.31 -23.95
CA ASN A 44 8.05 -22.57 -22.62
C ASN A 44 8.84 -21.39 -22.11
N GLY A 45 8.74 -21.18 -20.81
CA GLY A 45 9.51 -20.13 -20.18
C GLY A 45 10.36 -20.54 -19.03
N CYS A 46 10.98 -19.60 -18.34
CA CYS A 46 11.72 -20.02 -17.16
C CYS A 46 11.77 -18.84 -16.19
N ILE A 47 11.87 -19.13 -14.88
CA ILE A 47 12.24 -18.13 -13.87
C ILE A 47 13.74 -18.18 -13.67
N PHE A 48 14.46 -17.02 -13.69
CA PHE A 48 15.89 -17.01 -13.48
C PHE A 48 16.05 -16.58 -12.03
N THR A 49 16.40 -17.52 -11.15
CA THR A 49 16.69 -17.26 -9.75
C THR A 49 18.15 -17.60 -9.50
N LEU A 50 18.90 -16.62 -9.03
CA LEU A 50 20.35 -16.71 -9.01
C LEU A 50 20.93 -16.25 -7.66
N ASN A 51 21.86 -17.06 -7.07
CA ASN A 51 22.64 -16.62 -5.92
C ASN A 51 23.89 -15.98 -6.52
N PRO A 52 24.16 -14.71 -6.26
CA PRO A 52 25.24 -14.02 -6.98
C PRO A 52 26.56 -14.33 -6.34
N LYS A 53 26.52 -14.86 -5.14
CA LYS A 53 27.72 -15.19 -4.41
C LYS A 53 28.25 -16.55 -4.83
N THR A 54 27.36 -17.52 -5.02
CA THR A 54 27.72 -18.92 -5.30
C THR A 54 27.63 -19.24 -6.77
N GLY A 55 26.76 -18.56 -7.54
CA GLY A 55 26.57 -18.84 -8.96
C GLY A 55 25.41 -19.79 -9.16
N HIS A 56 24.80 -20.28 -8.10
CA HIS A 56 23.73 -21.27 -8.15
C HIS A 56 22.57 -20.64 -8.92
N LEU A 57 22.10 -21.28 -9.98
CA LEU A 57 20.95 -20.82 -10.78
C LEU A 57 19.89 -21.89 -10.53
N PHE A 58 18.78 -21.56 -9.87
CA PHE A 58 17.62 -22.44 -9.65
C PHE A 58 16.69 -22.12 -10.83
N LEU A 59 16.84 -22.80 -11.96
CA LEU A 59 16.11 -22.48 -13.22
C LEU A 59 14.76 -23.19 -13.25
N LYS A 60 13.66 -22.53 -12.87
CA LYS A 60 12.30 -23.16 -12.90
C LYS A 60 11.71 -22.98 -14.28
N ILE A 61 11.38 -24.13 -14.91
CA ILE A 61 10.86 -24.12 -16.24
C ILE A 61 9.35 -24.00 -16.16
N ILE A 62 8.82 -23.04 -16.90
CA ILE A 62 7.40 -22.71 -16.94
C ILE A 62 6.90 -23.30 -18.23
N HIS A 63 6.23 -24.43 -18.08
CA HIS A 63 5.68 -25.18 -19.20
C HIS A 63 4.42 -24.43 -19.64
N THR A 64 4.22 -24.36 -20.94
CA THR A 64 3.09 -23.60 -21.46
C THR A 64 1.78 -24.04 -20.88
N SER A 65 1.74 -25.26 -20.36
CA SER A 65 0.48 -25.78 -19.87
C SER A 65 -0.02 -24.96 -18.71
N VAL A 66 0.86 -24.29 -17.98
N VAL A 66 0.87 -24.28 -18.01
CA VAL A 66 0.41 -23.51 -16.85
CA VAL A 66 0.50 -23.44 -16.88
C VAL A 66 -0.50 -22.37 -17.29
C VAL A 66 -0.52 -22.40 -17.31
N TRP A 67 -0.49 -22.01 -18.57
CA TRP A 67 -1.27 -20.89 -19.05
C TRP A 67 -2.66 -21.30 -19.49
N ALA A 68 -2.92 -22.59 -19.59
CA ALA A 68 -4.13 -23.06 -20.26
C ALA A 68 -5.35 -22.51 -19.57
N GLY A 69 -6.24 -21.90 -20.35
CA GLY A 69 -7.51 -21.46 -19.83
C GLY A 69 -7.44 -20.28 -18.88
N GLN A 70 -6.30 -19.61 -18.78
CA GLN A 70 -6.09 -18.44 -17.91
C GLN A 70 -6.20 -17.17 -18.72
N LYS A 71 -6.65 -16.11 -18.06
CA LYS A 71 -6.73 -14.77 -18.63
C LYS A 71 -5.63 -13.89 -18.03
N ARG A 72 -5.35 -12.75 -18.66
CA ARG A 72 -4.36 -11.76 -18.20
C ARG A 72 -3.05 -12.41 -17.81
N LEU A 73 -2.46 -13.11 -18.80
CA LEU A 73 -1.28 -13.91 -18.55
C LEU A 73 -0.07 -13.06 -18.11
N SER A 74 0.14 -11.90 -18.72
CA SER A 74 1.25 -11.05 -18.25
C SER A 74 1.13 -10.75 -16.76
N GLN A 75 -0.09 -10.50 -16.27
CA GLN A 75 -0.26 -10.36 -14.82
C GLN A 75 -0.15 -11.69 -14.07
N LEU A 76 -0.76 -12.75 -14.56
CA LEU A 76 -0.62 -14.03 -13.85
C LEU A 76 0.86 -14.42 -13.67
N ALA A 77 1.66 -14.12 -14.68
CA ALA A 77 3.05 -14.56 -14.72
C ALA A 77 3.83 -14.02 -13.56
N LYS A 78 3.57 -12.76 -13.22
CA LYS A 78 4.21 -12.21 -12.05
C LYS A 78 3.84 -13.01 -10.82
N TRP A 79 2.55 -13.34 -10.64
CA TRP A 79 2.17 -14.09 -9.45
C TRP A 79 2.72 -15.52 -9.46
N LYS A 80 2.70 -16.12 -10.63
CA LYS A 80 3.19 -17.49 -10.80
C LYS A 80 4.67 -17.54 -10.42
N THR A 81 5.44 -16.58 -10.93
CA THR A 81 6.83 -16.38 -10.52
C THR A 81 6.96 -16.30 -9.00
N ALA A 82 6.17 -15.38 -8.38
CA ALA A 82 6.23 -15.27 -6.94
C ALA A 82 5.89 -16.58 -6.23
N GLU A 83 4.89 -17.31 -6.71
CA GLU A 83 4.51 -18.58 -6.11
C GLU A 83 5.65 -19.59 -6.23
N GLU A 84 6.25 -19.65 -7.40
CA GLU A 84 7.42 -20.56 -7.60
C GLU A 84 8.60 -20.13 -6.72
N VAL A 85 8.91 -18.84 -6.64
CA VAL A 85 10.03 -18.43 -5.75
C VAL A 85 9.71 -18.78 -4.31
N SER A 86 8.48 -18.56 -3.86
N SER A 86 8.47 -18.53 -3.88
CA SER A 86 8.15 -18.83 -2.46
CA SER A 86 8.04 -18.82 -2.52
C SER A 86 8.14 -20.33 -2.17
C SER A 86 8.15 -20.31 -2.21
N ALA A 87 7.70 -21.15 -3.12
CA ALA A 87 7.85 -22.61 -2.95
C ALA A 87 9.33 -23.04 -2.83
N LEU A 88 10.17 -22.46 -3.65
CA LEU A 88 11.62 -22.66 -3.53
C LEU A 88 12.15 -22.33 -2.15
N VAL A 89 11.84 -21.12 -1.62
CA VAL A 89 12.37 -20.80 -0.32
C VAL A 89 11.89 -21.80 0.69
N ARG A 90 10.63 -22.21 0.58
CA ARG A 90 10.09 -23.12 1.59
C ARG A 90 10.74 -24.49 1.50
N SER A 91 11.18 -24.87 0.31
CA SER A 91 11.88 -26.14 0.16
C SER A 91 13.30 -26.12 0.69
N LEU A 92 13.91 -24.97 0.89
CA LEU A 92 15.30 -24.94 1.33
C LEU A 92 15.34 -24.99 2.87
N PRO A 93 16.34 -25.68 3.45
CA PRO A 93 16.53 -25.63 4.90
C PRO A 93 16.66 -24.18 5.32
N LYS A 94 16.33 -23.93 6.60
CA LYS A 94 16.28 -22.58 7.12
C LYS A 94 17.61 -21.90 6.94
N GLU A 95 18.69 -22.60 7.26
CA GLU A 95 19.99 -21.98 7.12
C GLU A 95 20.32 -21.69 5.67
N GLU A 96 19.58 -22.19 4.71
CA GLU A 96 19.88 -21.84 3.33
C GLU A 96 18.91 -20.83 2.74
N GLN A 97 17.88 -20.45 3.45
CA GLN A 97 16.95 -19.48 2.90
C GLN A 97 17.56 -18.07 2.81
N PRO A 98 17.19 -17.32 1.76
CA PRO A 98 17.79 -16.00 1.51
C PRO A 98 17.32 -15.03 2.59
N LYS A 99 18.22 -14.14 3.00
N LYS A 99 18.21 -14.14 3.01
CA LYS A 99 17.85 -12.99 3.84
CA LYS A 99 17.80 -13.00 3.85
C LYS A 99 17.23 -11.87 3.01
C LYS A 99 17.24 -11.85 3.01
N GLN A 100 17.62 -11.78 1.74
CA GLN A 100 17.10 -10.81 0.78
C GLN A 100 16.79 -11.53 -0.52
N ILE A 101 15.71 -11.08 -1.16
CA ILE A 101 15.48 -11.42 -2.54
C ILE A 101 15.30 -10.13 -3.32
N ILE A 102 16.11 -10.00 -4.36
CA ILE A 102 16.19 -8.80 -5.17
C ILE A 102 15.56 -9.09 -6.52
N VAL A 103 14.54 -8.29 -6.88
CA VAL A 103 13.80 -8.53 -8.11
C VAL A 103 14.29 -7.57 -9.15
N THR A 104 14.50 -8.09 -10.34
CA THR A 104 14.97 -7.24 -11.42
C THR A 104 13.90 -6.33 -12.00
N ARG A 105 12.59 -6.54 -11.72
CA ARG A 105 11.54 -5.63 -12.23
C ARG A 105 10.61 -5.25 -11.07
N LYS A 106 10.32 -3.95 -10.92
CA LYS A 106 9.56 -3.51 -9.76
C LYS A 106 8.17 -4.13 -9.72
N ALA A 107 7.66 -4.53 -10.88
CA ALA A 107 6.34 -5.14 -10.87
C ALA A 107 6.30 -6.46 -10.10
N MET A 108 7.45 -7.07 -9.85
CA MET A 108 7.45 -8.27 -9.03
C MET A 108 7.38 -8.02 -7.53
N LEU A 109 7.55 -6.79 -7.05
CA LEU A 109 7.64 -6.60 -5.61
C LEU A 109 6.37 -7.05 -4.87
N ASP A 110 5.21 -6.49 -5.22
CA ASP A 110 3.99 -6.83 -4.51
C ASP A 110 3.69 -8.32 -4.63
N PRO A 111 3.78 -8.91 -5.81
CA PRO A 111 3.46 -10.35 -5.88
C PRO A 111 4.33 -11.20 -4.95
N LEU A 112 5.64 -10.90 -5.00
CA LEU A 112 6.55 -11.59 -4.11
C LEU A 112 6.24 -11.27 -2.65
N GLU A 113 6.03 -9.99 -2.35
CA GLU A 113 5.78 -9.60 -0.97
C GLU A 113 4.57 -10.34 -0.42
N VAL A 114 3.47 -10.40 -1.19
CA VAL A 114 2.29 -11.10 -0.71
C VAL A 114 2.57 -12.58 -0.54
N HIS A 115 3.25 -13.23 -1.51
CA HIS A 115 3.57 -14.65 -1.36
C HIS A 115 4.49 -14.91 -0.19
N MET A 116 5.24 -13.92 0.25
CA MET A 116 6.21 -14.21 1.28
C MET A 116 5.81 -13.63 2.63
N LEU A 117 4.52 -13.38 2.85
CA LEU A 117 4.11 -12.81 4.14
C LEU A 117 4.51 -13.71 5.29
N ASP A 118 4.57 -15.03 5.04
CA ASP A 118 5.05 -15.99 6.03
C ASP A 118 6.52 -15.78 6.42
N PHE A 119 7.27 -14.99 5.67
CA PHE A 119 8.70 -14.80 5.89
C PHE A 119 8.94 -13.31 6.09
N PRO A 120 8.39 -12.73 7.17
CA PRO A 120 8.60 -11.29 7.44
C PRO A 120 10.06 -10.89 7.48
N ASN A 121 10.97 -11.80 7.82
CA ASN A 121 12.38 -11.51 7.95
C ASN A 121 13.15 -11.55 6.63
N ILE A 122 12.52 -11.88 5.49
CA ILE A 122 13.17 -11.87 4.19
C ILE A 122 12.80 -10.55 3.50
N ALA A 123 13.80 -9.70 3.28
CA ALA A 123 13.60 -8.41 2.61
C ALA A 123 13.45 -8.61 1.12
N ILE A 124 12.34 -8.10 0.57
CA ILE A 124 12.09 -8.07 -0.87
C ILE A 124 12.49 -6.69 -1.40
N ARG A 125 13.41 -6.62 -2.39
CA ARG A 125 14.09 -5.37 -2.73
C ARG A 125 14.10 -5.23 -4.25
N PRO A 126 13.84 -4.02 -4.74
CA PRO A 126 14.09 -3.73 -6.15
C PRO A 126 15.54 -3.34 -6.39
N THR A 127 15.82 -3.02 -7.65
CA THR A 127 17.13 -2.56 -8.05
C THR A 127 16.99 -1.50 -9.13
N GLU A 128 17.94 -0.56 -9.13
N GLU A 128 17.94 -0.57 -9.15
CA GLU A 128 18.11 0.44 -10.17
CA GLU A 128 18.04 0.40 -10.23
C GLU A 128 19.00 -0.04 -11.32
C GLU A 128 18.96 -0.07 -11.36
N LEU A 129 19.71 -1.15 -11.14
CA LEU A 129 20.55 -1.69 -12.19
C LEU A 129 19.71 -2.28 -13.33
N ARG A 130 20.22 -2.10 -14.54
CA ARG A 130 19.60 -2.60 -15.76
C ARG A 130 20.19 -3.96 -16.15
N LEU A 131 20.06 -4.93 -15.25
CA LEU A 131 20.87 -6.12 -15.37
C LEU A 131 20.40 -6.93 -16.57
N PRO A 132 21.28 -7.67 -17.24
CA PRO A 132 20.87 -8.33 -18.51
C PRO A 132 20.34 -9.76 -18.40
N PHE A 133 19.75 -10.10 -17.27
CA PHE A 133 19.39 -11.50 -17.07
C PHE A 133 18.41 -12.02 -18.11
N SER A 134 17.72 -11.13 -18.83
CA SER A 134 16.82 -11.61 -19.88
C SER A 134 17.57 -12.41 -20.93
N ALA A 135 18.88 -12.13 -21.08
CA ALA A 135 19.70 -12.80 -22.08
C ALA A 135 20.05 -14.25 -21.69
N ALA A 136 19.55 -14.75 -20.54
CA ALA A 136 19.89 -16.10 -20.08
C ALA A 136 19.42 -17.16 -21.07
N MET A 137 18.39 -16.86 -21.86
CA MET A 137 17.91 -17.75 -22.91
C MET A 137 18.76 -17.69 -24.17
N SER A 138 19.78 -16.85 -24.23
CA SER A 138 20.81 -16.96 -25.25
C SER A 138 21.95 -17.88 -24.83
N ILE A 139 21.93 -18.42 -23.62
CA ILE A 139 22.88 -19.46 -23.24
C ILE A 139 22.29 -20.80 -23.74
N ASP A 140 23.00 -21.44 -24.68
CA ASP A 140 22.40 -22.52 -25.47
C ASP A 140 21.84 -23.64 -24.61
N LYS A 141 22.60 -24.03 -23.56
CA LYS A 141 22.17 -25.16 -22.75
C LYS A 141 21.00 -24.80 -21.86
N LEU A 142 20.83 -23.53 -21.50
CA LEU A 142 19.63 -23.17 -20.73
C LEU A 142 18.40 -23.14 -21.62
N SER A 143 18.51 -22.53 -22.80
CA SER A 143 17.44 -22.54 -23.78
C SER A 143 17.06 -23.93 -24.21
N ASP A 144 18.04 -24.81 -24.34
CA ASP A 144 17.75 -26.18 -24.73
C ASP A 144 16.82 -26.85 -23.74
N VAL A 145 17.13 -26.78 -22.44
CA VAL A 145 16.31 -27.51 -21.49
C VAL A 145 14.95 -26.86 -21.32
N VAL A 146 14.88 -25.53 -21.40
CA VAL A 146 13.57 -24.87 -21.39
C VAL A 146 12.71 -25.38 -22.56
N MET A 147 13.26 -25.36 -23.77
N MET A 147 13.26 -25.38 -23.77
N MET A 147 13.25 -25.38 -23.78
CA MET A 147 12.48 -25.68 -24.96
CA MET A 147 12.44 -25.69 -24.94
CA MET A 147 12.43 -25.68 -24.95
C MET A 147 12.08 -27.15 -25.02
C MET A 147 12.04 -27.15 -24.98
C MET A 147 12.06 -27.15 -25.03
N LYS A 148 12.86 -28.03 -24.42
CA LYS A 148 12.56 -29.45 -24.46
C LYS A 148 11.57 -29.91 -23.40
N ALA A 149 11.37 -29.13 -22.34
CA ALA A 149 10.58 -29.60 -21.21
C ALA A 149 9.19 -29.90 -21.70
N THR A 150 8.61 -31.03 -21.26
CA THR A 150 7.24 -31.45 -21.53
C THR A 150 6.29 -31.27 -20.35
N GLU A 151 6.83 -30.90 -19.21
CA GLU A 151 6.15 -30.67 -17.94
C GLU A 151 6.94 -29.64 -17.13
N PRO A 152 6.31 -29.07 -16.07
CA PRO A 152 7.07 -28.18 -15.18
C PRO A 152 8.26 -28.90 -14.57
N GLN A 153 9.33 -28.15 -14.44
CA GLN A 153 10.55 -28.79 -14.05
C GLN A 153 11.51 -27.75 -13.52
N MET A 154 12.24 -28.11 -12.47
CA MET A 154 13.32 -27.32 -11.95
C MET A 154 14.64 -27.93 -12.35
N VAL A 155 15.50 -27.15 -13.04
CA VAL A 155 16.87 -27.58 -13.41
C VAL A 155 17.86 -26.69 -12.67
N LEU A 156 18.94 -27.26 -12.17
CA LEU A 156 19.99 -26.55 -11.42
C LEU A 156 21.23 -26.38 -12.32
N PHE A 157 21.75 -25.16 -12.48
CA PHE A 157 23.01 -24.85 -13.21
C PHE A 157 23.91 -24.02 -12.29
N ASN A 158 25.21 -24.19 -12.36
CA ASN A 158 26.10 -23.24 -11.67
C ASN A 158 26.40 -22.31 -12.81
N ILE A 159 25.88 -21.08 -12.81
CA ILE A 159 26.11 -20.15 -13.94
C ILE A 159 27.58 -19.70 -13.98
N TYR A 160 28.41 -19.88 -12.96
CA TYR A 160 29.83 -19.54 -13.09
C TYR A 160 30.72 -20.73 -13.49
N ASP A 161 30.16 -21.88 -13.81
CA ASP A 161 31.02 -23.05 -14.09
C ASP A 161 32.02 -23.14 -12.92
N ASP A 162 33.32 -23.26 -13.17
CA ASP A 162 34.32 -23.47 -12.14
C ASP A 162 35.07 -22.21 -11.82
N TRP A 163 34.52 -21.06 -12.20
CA TRP A 163 35.33 -19.83 -12.15
C TRP A 163 35.79 -19.52 -10.73
N LEU A 164 34.90 -19.70 -9.73
CA LEU A 164 35.17 -19.39 -8.34
C LEU A 164 36.42 -20.06 -7.85
N ASP A 165 36.92 -21.07 -8.59
CA ASP A 165 38.19 -21.70 -8.20
C ASP A 165 39.36 -20.75 -8.41
N ARG A 166 39.20 -19.77 -9.31
CA ARG A 166 40.28 -18.88 -9.75
C ARG A 166 40.00 -17.40 -9.49
N ILE A 167 38.73 -16.99 -9.38
CA ILE A 167 38.38 -15.58 -9.20
C ILE A 167 37.35 -15.43 -8.10
N SER A 168 37.15 -14.17 -7.68
CA SER A 168 36.15 -13.85 -6.66
C SER A 168 34.75 -13.76 -7.24
N SER A 169 33.76 -13.86 -6.36
N SER A 169 33.75 -13.85 -6.35
CA SER A 169 32.38 -13.66 -6.77
CA SER A 169 32.37 -13.69 -6.81
C SER A 169 32.21 -12.31 -7.46
C SER A 169 32.14 -12.32 -7.42
N TYR A 170 32.82 -11.27 -6.92
CA TYR A 170 32.65 -9.96 -7.53
C TYR A 170 33.09 -10.03 -8.99
N THR A 171 34.20 -10.72 -9.28
CA THR A 171 34.69 -10.82 -10.65
C THR A 171 33.85 -11.81 -11.48
N ALA A 172 33.40 -12.91 -10.89
CA ALA A 172 32.55 -13.86 -11.62
C ALA A 172 31.24 -13.20 -12.02
N PHE A 173 30.65 -12.41 -11.13
CA PHE A 173 29.40 -11.77 -11.49
C PHE A 173 29.61 -10.74 -12.56
N SER A 174 30.73 -10.00 -12.46
CA SER A 174 31.03 -8.96 -13.44
C SER A 174 31.30 -9.57 -14.82
N ARG A 175 31.98 -10.73 -14.87
CA ARG A 175 32.07 -11.44 -16.13
C ARG A 175 30.68 -11.88 -16.63
N LEU A 176 29.87 -12.48 -15.76
CA LEU A 176 28.55 -12.96 -16.18
C LEU A 176 27.73 -11.82 -16.76
N THR A 177 27.69 -10.68 -16.06
CA THR A 177 26.89 -9.60 -16.63
C THR A 177 27.52 -9.05 -17.89
N LEU A 178 28.83 -9.14 -18.05
CA LEU A 178 29.37 -8.67 -19.33
C LEU A 178 28.99 -9.63 -20.45
N LEU A 179 29.04 -10.91 -20.16
CA LEU A 179 28.71 -11.88 -21.18
C LEU A 179 27.24 -11.70 -21.58
N LEU A 180 26.38 -11.53 -20.60
CA LEU A 180 24.96 -11.46 -20.88
C LEU A 180 24.59 -10.11 -21.50
N ARG A 181 25.18 -9.00 -21.00
CA ARG A 181 25.00 -7.78 -21.75
C ARG A 181 25.39 -7.93 -23.22
N ALA A 182 26.53 -8.58 -23.50
CA ALA A 182 26.95 -8.73 -24.89
C ALA A 182 25.94 -9.55 -25.68
N LEU A 183 25.60 -10.71 -25.15
CA LEU A 183 24.57 -11.51 -25.76
C LEU A 183 23.26 -10.75 -25.97
N LYS A 184 22.89 -9.84 -25.08
CA LYS A 184 21.63 -9.12 -25.26
C LYS A 184 21.73 -8.08 -26.37
N THR A 185 22.92 -7.48 -26.54
N THR A 185 22.92 -7.49 -26.56
CA THR A 185 23.07 -6.38 -27.47
CA THR A 185 23.10 -6.38 -27.48
C THR A 185 23.31 -6.86 -28.89
C THR A 185 23.32 -6.85 -28.89
N ASN A 186 24.02 -7.97 -29.06
CA ASN A 186 24.17 -8.60 -30.38
C ASN A 186 24.51 -10.05 -30.12
N GLU A 187 23.52 -10.92 -30.22
CA GLU A 187 23.70 -12.32 -29.86
C GLU A 187 24.66 -13.01 -30.82
N GLU A 188 24.53 -12.75 -32.12
CA GLU A 188 25.37 -13.44 -33.10
C GLU A 188 26.84 -13.13 -32.87
N SER A 189 27.18 -11.85 -32.87
CA SER A 189 28.54 -11.44 -32.57
C SER A 189 29.03 -12.05 -31.25
N ALA A 190 28.26 -11.84 -30.18
CA ALA A 190 28.64 -12.38 -28.87
C ALA A 190 28.96 -13.87 -28.95
N LYS A 191 28.09 -14.63 -29.61
CA LYS A 191 28.30 -16.07 -29.68
C LYS A 191 29.50 -16.39 -30.55
N MET A 192 29.62 -15.72 -31.70
CA MET A 192 30.81 -15.90 -32.52
CA MET A 192 30.80 -15.89 -32.52
C MET A 192 32.06 -15.72 -31.68
N ILE A 193 32.11 -14.65 -30.90
CA ILE A 193 33.27 -14.36 -30.05
C ILE A 193 33.60 -15.54 -29.16
N LEU A 194 32.58 -16.15 -28.56
CA LEU A 194 32.78 -17.19 -27.56
C LEU A 194 33.22 -18.52 -28.16
N LEU A 195 32.97 -18.74 -29.44
CA LEU A 195 33.13 -20.06 -30.02
C LEU A 195 34.09 -20.08 -31.20
N SER A 196 34.60 -18.92 -31.62
CA SER A 196 35.40 -18.85 -32.84
C SER A 196 36.48 -19.92 -32.89
N ASP A 197 37.12 -20.17 -31.75
CA ASP A 197 38.29 -21.05 -31.69
C ASP A 197 37.85 -22.45 -31.30
N PRO A 198 37.74 -23.39 -32.24
CA PRO A 198 37.18 -24.70 -31.91
C PRO A 198 37.99 -25.49 -30.91
N THR A 199 39.22 -25.07 -30.61
CA THR A 199 40.02 -25.79 -29.62
C THR A 199 39.55 -25.52 -28.19
N ILE A 200 38.77 -24.47 -27.96
CA ILE A 200 38.26 -24.15 -26.62
C ILE A 200 36.84 -24.68 -26.52
N THR A 201 36.66 -25.73 -25.73
CA THR A 201 35.39 -26.42 -25.65
C THR A 201 34.63 -26.05 -24.38
N ILE A 202 33.34 -26.36 -24.39
CA ILE A 202 32.47 -26.21 -23.23
C ILE A 202 32.35 -27.59 -22.63
N LYS A 203 32.87 -27.80 -21.43
CA LYS A 203 32.72 -29.12 -20.83
C LYS A 203 31.25 -29.49 -20.77
N SER A 204 31.00 -30.79 -20.74
CA SER A 204 29.63 -31.29 -20.69
C SER A 204 28.86 -30.74 -19.49
N TYR A 205 29.54 -30.57 -18.36
CA TYR A 205 28.96 -30.09 -17.13
C TYR A 205 29.11 -28.57 -16.98
N HIS A 206 29.41 -27.82 -18.05
CA HIS A 206 29.53 -26.34 -17.96
C HIS A 206 28.64 -25.64 -18.96
N LEU A 207 28.43 -24.34 -18.77
CA LEU A 207 27.72 -23.53 -19.73
C LEU A 207 28.63 -22.76 -20.65
N TRP A 208 29.79 -22.43 -20.18
CA TRP A 208 30.62 -21.58 -21.01
C TRP A 208 31.96 -22.27 -21.35
N PRO A 209 32.71 -21.75 -22.33
CA PRO A 209 33.95 -22.45 -22.73
C PRO A 209 35.01 -22.45 -21.64
N SER A 210 35.95 -23.40 -21.76
CA SER A 210 37.04 -23.55 -20.80
C SER A 210 38.22 -22.64 -21.15
N PHE A 211 37.99 -21.33 -21.07
CA PHE A 211 39.04 -20.35 -21.33
C PHE A 211 40.09 -20.36 -20.19
N THR A 212 41.37 -20.16 -20.55
CA THR A 212 42.35 -19.85 -19.50
C THR A 212 42.16 -18.40 -19.02
N ASP A 213 42.85 -18.07 -17.92
CA ASP A 213 42.81 -16.70 -17.41
C ASP A 213 43.11 -15.70 -18.51
N GLU A 214 44.14 -15.94 -19.30
CA GLU A 214 44.51 -14.98 -20.33
C GLU A 214 43.44 -14.91 -21.41
N GLN A 215 42.93 -16.07 -21.83
CA GLN A 215 41.87 -16.11 -22.84
C GLN A 215 40.62 -15.38 -22.37
N TRP A 216 40.33 -15.42 -21.06
CA TRP A 216 39.15 -14.71 -20.56
C TRP A 216 39.32 -13.20 -20.67
N ILE A 217 40.53 -12.68 -20.41
CA ILE A 217 40.77 -11.26 -20.60
C ILE A 217 40.51 -10.87 -22.04
N THR A 218 41.09 -11.64 -22.98
CA THR A 218 40.84 -11.36 -24.38
C THR A 218 39.35 -11.37 -24.67
N ILE A 219 38.67 -12.45 -24.28
CA ILE A 219 37.23 -12.54 -24.46
C ILE A 219 36.54 -11.32 -23.86
N GLU A 220 36.80 -11.09 -22.57
CA GLU A 220 36.17 -9.96 -21.88
C GLU A 220 36.43 -8.66 -22.62
N SER A 221 37.64 -8.47 -23.14
N SER A 221 37.65 -8.47 -23.13
CA SER A 221 37.91 -7.27 -23.93
CA SER A 221 37.92 -7.27 -23.93
C SER A 221 37.08 -7.23 -25.20
C SER A 221 37.05 -7.25 -25.19
N GLN A 222 36.90 -8.38 -25.86
CA GLN A 222 36.13 -8.43 -27.10
C GLN A 222 34.65 -8.13 -26.84
N MET A 223 34.13 -8.62 -25.72
CA MET A 223 32.75 -8.30 -25.35
C MET A 223 32.58 -6.82 -25.08
N ARG A 224 33.56 -6.21 -24.43
N ARG A 224 33.56 -6.20 -24.44
CA ARG A 224 33.49 -4.76 -24.23
CA ARG A 224 33.47 -4.76 -24.23
C ARG A 224 33.46 -4.03 -25.57
C ARG A 224 33.47 -4.02 -25.57
N ASP A 225 34.39 -4.36 -26.45
CA ASP A 225 34.39 -3.81 -27.80
CA ASP A 225 34.39 -3.81 -27.80
C ASP A 225 33.00 -3.94 -28.42
N LEU A 226 32.48 -5.16 -28.48
CA LEU A 226 31.15 -5.38 -29.03
C LEU A 226 30.13 -4.43 -28.43
N ILE A 227 30.15 -4.26 -27.11
CA ILE A 227 29.11 -3.44 -26.48
C ILE A 227 29.28 -1.97 -26.80
N LEU A 228 30.52 -1.48 -26.82
CA LEU A 228 30.77 -0.12 -27.30
C LEU A 228 30.29 0.03 -28.74
N THR A 229 30.84 -0.77 -29.65
CA THR A 229 30.40 -0.81 -31.04
C THR A 229 28.89 -0.71 -31.17
N GLU A 230 28.18 -1.81 -30.90
CA GLU A 230 26.73 -1.88 -31.07
C GLU A 230 26.05 -0.62 -30.54
N TYR A 231 26.66 0.00 -29.52
CA TYR A 231 26.15 1.25 -28.99
C TYR A 231 26.36 2.40 -29.98
N GLY A 232 27.51 2.42 -30.65
CA GLY A 232 27.71 3.37 -31.72
C GLY A 232 26.78 3.11 -32.88
N ARG A 233 26.88 1.92 -33.46
CA ARG A 233 25.96 1.49 -34.52
C ARG A 233 24.53 1.86 -34.20
N LYS A 234 24.18 1.88 -32.91
CA LYS A 234 22.81 2.22 -32.52
C LYS A 234 22.60 3.71 -32.47
N TYR A 235 23.54 4.46 -31.89
CA TYR A 235 23.43 5.90 -31.77
C TYR A 235 24.27 6.65 -32.81
N ASN A 236 24.87 5.93 -33.76
CA ASN A 236 25.72 6.55 -34.78
C ASN A 236 26.75 7.48 -34.13
N VAL A 237 27.83 6.91 -33.61
CA VAL A 237 28.87 7.68 -32.93
C VAL A 237 30.24 7.10 -33.29
N MET B 5 -34.04 19.90 22.72
CA MET B 5 -32.77 20.63 22.41
C MET B 5 -31.91 20.78 23.68
N ASN B 6 -30.62 20.51 23.57
CA ASN B 6 -29.77 20.47 24.73
C ASN B 6 -28.70 21.56 24.71
N THR B 7 -27.93 21.63 25.80
CA THR B 7 -27.08 22.78 26.08
C THR B 7 -25.72 22.33 26.59
N VAL B 8 -24.66 22.92 26.07
CA VAL B 8 -23.35 22.77 26.68
C VAL B 8 -22.91 24.13 27.22
N PRO B 9 -23.07 24.36 28.52
CA PRO B 9 -22.68 25.68 29.08
C PRO B 9 -21.17 25.73 29.28
N PHE B 10 -20.57 26.94 29.18
CA PHE B 10 -19.13 27.14 29.46
C PHE B 10 -19.03 27.94 30.74
N THR B 11 -18.20 27.49 31.68
CA THR B 11 -17.97 28.29 32.88
C THR B 11 -17.50 29.69 32.54
N SER B 12 -16.65 29.82 31.53
CA SER B 12 -16.11 31.12 31.15
C SER B 12 -15.26 30.90 29.92
N ALA B 13 -14.89 32.00 29.28
CA ALA B 13 -13.98 31.92 28.14
C ALA B 13 -12.74 32.76 28.43
N PRO B 14 -11.81 32.24 29.22
CA PRO B 14 -10.65 33.09 29.58
C PRO B 14 -9.64 33.38 28.48
N ILE B 15 -9.45 32.48 27.50
CA ILE B 15 -8.58 32.78 26.38
C ILE B 15 -9.34 32.82 25.07
N GLU B 16 -8.84 33.69 24.19
CA GLU B 16 -9.39 33.92 22.88
C GLU B 16 -9.29 32.60 22.10
N VAL B 17 -10.36 32.19 21.45
CA VAL B 17 -10.40 30.83 20.94
C VAL B 17 -11.42 30.78 19.83
N THR B 18 -11.15 30.00 18.81
CA THR B 18 -12.19 29.67 17.86
C THR B 18 -12.86 28.37 18.31
N ILE B 19 -14.18 28.40 18.44
CA ILE B 19 -14.97 27.27 18.95
C ILE B 19 -15.75 26.69 17.78
N GLY B 20 -15.59 25.40 17.52
CA GLY B 20 -16.37 24.70 16.51
C GLY B 20 -17.41 23.91 17.23
N ILE B 21 -18.63 23.91 16.71
CA ILE B 21 -19.65 22.96 17.12
C ILE B 21 -20.07 22.28 15.85
N ASP B 22 -19.89 20.97 15.77
CA ASP B 22 -20.11 20.20 14.53
C ASP B 22 -19.47 21.01 13.40
N GLN B 23 -20.17 21.24 12.29
CA GLN B 23 -19.58 21.90 11.13
C GLN B 23 -19.67 23.42 11.23
N TYR B 24 -20.10 23.95 12.36
CA TYR B 24 -20.20 25.39 12.55
C TYR B 24 -19.03 25.88 13.42
N SER B 25 -18.79 27.18 13.45
CA SER B 25 -17.71 27.67 14.30
C SER B 25 -17.80 29.17 14.43
N PHE B 26 -17.27 29.69 15.53
CA PHE B 26 -17.36 31.12 15.82
C PHE B 26 -16.19 31.53 16.69
N ASN B 27 -15.92 32.84 16.71
CA ASN B 27 -14.77 33.41 17.41
C ASN B 27 -15.18 33.94 18.77
N VAL B 28 -14.46 33.52 19.82
CA VAL B 28 -14.65 34.04 21.17
C VAL B 28 -13.39 34.80 21.58
N LYS B 29 -13.59 36.07 21.96
CA LYS B 29 -12.49 36.93 22.34
C LYS B 29 -12.11 36.71 23.80
N GLU B 30 -10.83 36.94 24.11
CA GLU B 30 -10.30 36.77 25.46
C GLU B 30 -11.18 37.46 26.48
N ASN B 31 -11.71 36.68 27.43
CA ASN B 31 -12.62 37.18 28.47
C ASN B 31 -13.86 37.87 27.89
N GLN B 32 -14.36 37.34 26.78
CA GLN B 32 -15.68 37.72 26.32
C GLN B 32 -16.73 36.98 27.13
N PRO B 33 -17.89 37.61 27.39
CA PRO B 33 -18.92 36.96 28.24
C PRO B 33 -19.69 35.86 27.53
N PHE B 34 -19.03 34.75 27.29
CA PHE B 34 -19.59 33.61 26.58
C PHE B 34 -19.83 32.47 27.55
N HIS B 35 -21.03 31.91 27.48
CA HIS B 35 -21.36 30.89 28.46
C HIS B 35 -21.98 29.69 27.82
N GLY B 36 -21.83 29.56 26.53
CA GLY B 36 -21.87 28.21 26.00
C GLY B 36 -22.75 28.12 24.75
N ILE B 37 -23.20 26.90 24.44
CA ILE B 37 -23.95 26.62 23.22
C ILE B 37 -25.28 25.94 23.55
N LYS B 38 -26.39 26.47 23.02
CA LYS B 38 -27.77 25.95 23.23
C LYS B 38 -28.43 25.46 21.95
N ASP B 39 -29.59 24.79 22.12
CA ASP B 39 -30.41 24.32 20.99
C ASP B 39 -29.65 23.29 20.16
N ILE B 40 -28.75 22.56 20.79
CA ILE B 40 -28.04 21.46 20.13
C ILE B 40 -29.05 20.35 19.84
N PRO B 41 -29.18 19.91 18.58
CA PRO B 41 -30.11 18.82 18.26
C PRO B 41 -29.80 17.53 19.02
N ILE B 42 -30.78 17.03 19.74
CA ILE B 42 -30.75 15.72 20.34
C ILE B 42 -30.88 14.70 19.22
N GLY B 43 -30.24 13.57 19.40
CA GLY B 43 -30.40 12.46 18.49
C GLY B 43 -29.19 12.18 17.66
N HIS B 44 -28.15 13.03 17.73
CA HIS B 44 -26.94 12.87 16.97
C HIS B 44 -25.78 12.94 17.95
N VAL B 45 -24.66 12.39 17.53
N VAL B 45 -24.66 12.29 17.59
CA VAL B 45 -23.38 12.62 18.19
CA VAL B 45 -23.40 12.66 18.26
C VAL B 45 -22.81 13.93 17.71
C VAL B 45 -23.04 14.07 17.82
N HIS B 46 -22.21 14.68 18.61
CA HIS B 46 -21.72 15.97 18.27
C HIS B 46 -20.25 16.09 18.61
N VAL B 47 -19.63 17.10 18.03
CA VAL B 47 -18.28 17.41 18.44
C VAL B 47 -18.11 18.88 18.66
N ILE B 48 -17.61 19.23 19.82
N ILE B 48 -17.62 19.23 19.84
CA ILE B 48 -17.23 20.61 20.10
CA ILE B 48 -17.22 20.60 20.12
C ILE B 48 -15.72 20.67 20.10
C ILE B 48 -15.71 20.65 20.07
N HIS B 49 -15.15 21.65 19.39
CA HIS B 49 -13.69 21.69 19.22
C HIS B 49 -13.13 23.10 19.28
N PHE B 50 -11.77 23.22 19.32
CA PHE B 50 -11.15 24.44 19.80
C PHE B 50 -9.84 24.68 19.09
N GLN B 51 -9.60 25.90 18.70
CA GLN B 51 -8.26 26.25 18.25
C GLN B 51 -7.93 27.58 18.92
N HIS B 52 -6.95 27.59 19.82
CA HIS B 52 -6.62 28.82 20.52
C HIS B 52 -6.16 29.90 19.55
N ALA B 53 -6.51 31.15 19.81
CA ALA B 53 -6.05 32.24 18.96
C ALA B 53 -4.52 32.32 18.94
N ASP B 54 -3.88 32.08 20.08
CA ASP B 54 -2.43 32.21 20.14
C ASP B 54 -1.75 31.06 19.40
N ASN B 55 -1.94 29.86 19.90
CA ASN B 55 -1.30 28.67 19.34
C ASN B 55 -2.31 27.91 18.47
N SER B 56 -2.36 28.29 17.19
CA SER B 56 -3.12 27.52 16.22
C SER B 56 -2.64 26.08 16.09
N SER B 57 -1.53 25.72 16.74
CA SER B 57 -1.13 24.32 16.87
C SER B 57 -2.07 23.61 17.82
N MET B 58 -2.38 22.35 17.51
N MET B 58 -2.38 22.36 17.48
CA MET B 58 -3.29 21.55 18.30
CA MET B 58 -3.27 21.50 18.25
C MET B 58 -4.73 22.09 18.17
C MET B 58 -4.71 22.02 18.19
N ARG B 59 -5.44 21.62 17.16
CA ARG B 59 -6.90 21.59 17.25
C ARG B 59 -7.25 20.41 18.14
N TYR B 60 -8.24 20.56 19.02
CA TYR B 60 -8.63 19.51 19.94
C TYR B 60 -10.11 19.68 20.20
N GLY B 61 -10.70 18.66 20.80
CA GLY B 61 -12.15 18.73 21.01
C GLY B 61 -12.68 17.42 21.52
N TYR B 62 -14.00 17.40 21.66
CA TYR B 62 -14.71 16.42 22.48
C TYR B 62 -15.90 15.91 21.68
N TRP B 63 -15.94 14.59 21.49
CA TRP B 63 -17.13 13.95 20.94
C TRP B 63 -18.07 13.63 22.10
N PHE B 64 -19.37 13.99 21.98
CA PHE B 64 -20.34 13.68 23.02
C PHE B 64 -21.74 13.45 22.46
N ASP B 65 -22.59 12.92 23.33
CA ASP B 65 -24.02 12.74 23.03
C ASP B 65 -24.81 13.23 24.24
N CYS B 66 -25.55 14.33 24.04
CA CYS B 66 -26.24 14.99 25.14
C CYS B 66 -27.23 14.06 25.85
N ARG B 67 -27.57 12.95 25.22
CA ARG B 67 -28.45 12.01 25.90
C ARG B 67 -27.71 11.22 26.98
N MET B 68 -26.39 11.21 26.97
N MET B 68 -26.39 11.21 26.96
CA MET B 68 -25.63 10.40 27.91
CA MET B 68 -25.61 10.40 27.90
C MET B 68 -25.24 11.17 29.17
C MET B 68 -25.23 11.17 29.16
N GLY B 69 -25.70 12.39 29.30
CA GLY B 69 -25.43 13.15 30.51
C GLY B 69 -25.31 14.63 30.19
N ASN B 70 -25.15 15.41 31.26
CA ASN B 70 -25.09 16.86 31.15
C ASN B 70 -23.62 17.25 31.16
N PHE B 71 -23.18 17.93 30.13
CA PHE B 71 -21.78 18.22 29.95
C PHE B 71 -21.61 19.73 29.88
N TYR B 72 -20.51 20.21 30.44
CA TYR B 72 -20.10 21.62 30.37
C TYR B 72 -18.62 21.71 30.03
N ILE B 73 -18.18 22.91 29.65
CA ILE B 73 -16.79 23.19 29.30
C ILE B 73 -16.25 24.20 30.31
N GLN B 74 -15.07 23.97 30.84
CA GLN B 74 -14.43 24.90 31.76
C GLN B 74 -12.94 25.01 31.40
N TYR B 75 -12.42 26.22 31.24
CA TYR B 75 -10.98 26.37 30.95
C TYR B 75 -10.12 25.89 32.13
N ASP B 76 -9.03 25.16 31.85
CA ASP B 76 -8.15 24.68 32.92
C ASP B 76 -6.87 25.49 32.78
N PRO B 77 -6.58 26.43 33.68
CA PRO B 77 -5.40 27.28 33.42
C PRO B 77 -4.07 26.60 33.71
N LYS B 78 -4.08 25.35 34.22
CA LYS B 78 -2.82 24.63 34.49
C LYS B 78 -2.48 23.84 33.23
N ASP B 79 -3.44 23.05 32.72
CA ASP B 79 -3.27 22.33 31.47
C ASP B 79 -3.52 23.20 30.25
N GLY B 80 -4.07 24.40 30.42
CA GLY B 80 -4.12 25.30 29.30
C GLY B 80 -5.10 24.84 28.24
N LEU B 81 -6.18 24.20 28.61
CA LEU B 81 -7.18 23.98 27.56
C LEU B 81 -8.59 23.99 28.13
N TYR B 82 -9.53 24.16 27.21
CA TYR B 82 -10.97 23.97 27.47
C TYR B 82 -11.27 22.50 27.66
N LYS B 83 -11.60 22.12 28.87
CA LYS B 83 -11.89 20.73 29.20
C LYS B 83 -13.38 20.47 29.22
N MET B 84 -13.77 19.30 28.74
CA MET B 84 -15.17 18.92 28.88
C MET B 84 -15.32 18.19 30.21
N MET B 85 -16.43 18.41 30.91
CA MET B 85 -16.70 17.73 32.17
C MET B 85 -18.18 17.39 32.25
N GLU B 86 -18.51 16.40 33.08
CA GLU B 86 -19.89 16.02 33.33
C GLU B 86 -20.33 16.60 34.66
N GLU B 87 -21.56 17.13 34.70
CA GLU B 87 -22.17 17.61 35.92
C GLU B 87 -23.12 16.51 36.38
N ARG B 88 -22.87 15.95 37.57
CA ARG B 88 -23.76 14.90 38.04
C ARG B 88 -25.00 15.46 38.73
N ASP B 89 -24.92 16.64 39.33
CA ASP B 89 -26.06 17.25 40.03
C ASP B 89 -26.99 17.87 39.00
N GLY B 90 -28.03 17.14 38.63
CA GLY B 90 -28.84 17.56 37.50
C GLY B 90 -29.62 18.83 37.77
N ALA B 91 -29.98 19.07 39.03
CA ALA B 91 -30.66 20.32 39.38
C ALA B 91 -29.69 21.49 39.29
N LYS B 92 -28.49 21.33 39.84
CA LYS B 92 -27.48 22.36 39.66
C LYS B 92 -27.25 22.69 38.20
N PHE B 93 -27.31 21.70 37.31
CA PHE B 93 -27.06 21.92 35.89
C PHE B 93 -28.21 22.70 35.24
N GLU B 94 -29.45 22.29 35.50
CA GLU B 94 -30.61 23.04 34.97
C GLU B 94 -30.61 24.48 35.49
N ASN B 95 -30.38 24.67 36.78
CA ASN B 95 -30.33 26.02 37.32
C ASN B 95 -29.25 26.86 36.66
N ILE B 96 -28.05 26.30 36.50
CA ILE B 96 -26.98 27.02 35.81
C ILE B 96 -27.41 27.37 34.40
N VAL B 97 -27.88 26.37 33.63
CA VAL B 97 -28.24 26.63 32.24
C VAL B 97 -29.31 27.71 32.14
N HIS B 98 -30.39 27.56 32.93
CA HIS B 98 -31.47 28.54 32.87
C HIS B 98 -30.96 29.95 33.14
N ASN B 99 -30.15 30.15 34.18
CA ASN B 99 -29.59 31.48 34.41
C ASN B 99 -28.90 32.00 33.16
N PHE B 100 -28.05 31.17 32.53
CA PHE B 100 -27.27 31.63 31.37
C PHE B 100 -28.18 31.90 30.17
N LYS B 101 -29.23 31.11 30.00
CA LYS B 101 -30.16 31.38 28.90
C LYS B 101 -30.95 32.66 29.13
N GLU B 102 -31.42 32.88 30.36
CA GLU B 102 -32.12 34.13 30.64
C GLU B 102 -31.24 35.34 30.36
N ARG B 103 -29.98 35.28 30.76
CA ARG B 103 -29.05 36.38 30.49
C ARG B 103 -28.56 36.35 29.05
N GLN B 104 -29.02 35.38 28.27
CA GLN B 104 -28.72 35.25 26.83
C GLN B 104 -27.24 35.27 26.54
N MET B 105 -26.45 34.56 27.35
CA MET B 105 -25.00 34.48 27.16
C MET B 105 -24.58 33.27 26.34
N MET B 106 -25.47 32.73 25.52
CA MET B 106 -25.20 31.49 24.79
C MET B 106 -25.47 31.62 23.30
N VAL B 107 -24.65 30.94 22.50
CA VAL B 107 -24.86 30.89 21.06
C VAL B 107 -25.83 29.75 20.80
N SER B 108 -26.65 29.95 19.79
CA SER B 108 -27.63 28.97 19.35
C SER B 108 -27.02 28.08 18.26
N TYR B 109 -27.08 26.78 18.49
CA TYR B 109 -26.64 25.85 17.45
C TYR B 109 -27.44 26.21 16.21
N PRO B 110 -26.81 26.56 15.11
CA PRO B 110 -27.53 27.30 14.07
C PRO B 110 -27.99 26.44 12.92
N LYS B 111 -28.79 25.42 13.18
CA LYS B 111 -29.18 24.50 12.12
C LYS B 111 -30.28 25.12 11.26
N ILE B 112 -30.03 25.22 9.96
CA ILE B 112 -31.06 25.54 8.98
C ILE B 112 -31.99 24.34 8.80
N ASP B 113 -33.28 24.60 8.60
CA ASP B 113 -34.23 23.49 8.72
C ASP B 113 -34.13 22.52 7.54
N GLU B 114 -33.84 23.02 6.33
CA GLU B 114 -33.62 22.16 5.17
C GLU B 114 -32.37 21.29 5.31
N ASP B 115 -31.52 21.56 6.30
CA ASP B 115 -30.14 21.08 6.33
C ASP B 115 -30.07 19.73 7.01
N ASP B 116 -29.72 18.73 6.24
CA ASP B 116 -29.41 17.43 6.79
C ASP B 116 -27.92 17.20 6.80
N THR B 117 -27.06 18.18 6.56
CA THR B 117 -25.62 17.83 6.51
C THR B 117 -25.12 16.98 7.68
N TRP B 118 -25.28 17.43 8.94
CA TRP B 118 -24.73 16.69 10.10
C TRP B 118 -25.27 15.28 10.17
N TYR B 119 -26.57 15.15 9.98
CA TYR B 119 -27.11 13.82 9.98
C TYR B 119 -26.39 12.98 8.95
N ASN B 120 -26.16 13.53 7.76
CA ASN B 120 -25.64 12.71 6.68
C ASN B 120 -24.17 12.39 6.95
N LEU B 121 -23.48 13.26 7.68
CA LEU B 121 -22.07 13.02 8.03
C LEU B 121 -21.92 12.08 9.23
N THR B 122 -22.97 11.91 10.02
CA THR B 122 -22.87 11.12 11.26
C THR B 122 -23.86 9.97 11.31
N GLU B 123 -24.43 9.54 10.16
CA GLU B 123 -25.58 8.64 10.07
C GLU B 123 -25.35 7.37 10.83
N PHE B 124 -24.14 6.82 10.74
CA PHE B 124 -23.77 5.59 11.43
C PHE B 124 -22.83 5.81 12.60
N VAL B 125 -22.64 7.02 13.05
CA VAL B 125 -21.69 7.18 14.13
C VAL B 125 -22.39 7.07 15.47
N GLN B 126 -21.84 6.25 16.35
N GLN B 126 -21.85 6.25 16.34
CA GLN B 126 -22.51 5.99 17.62
CA GLN B 126 -22.48 5.96 17.61
C GLN B 126 -21.51 6.15 18.75
C GLN B 126 -21.48 6.22 18.71
N MET B 127 -21.91 6.92 19.77
CA MET B 127 -20.98 7.23 20.87
C MET B 127 -20.31 5.98 21.41
N ASP B 128 -21.08 4.91 21.60
CA ASP B 128 -20.52 3.69 22.17
C ASP B 128 -19.33 3.22 21.35
N LYS B 129 -19.39 3.37 20.03
CA LYS B 129 -18.30 2.93 19.18
C LYS B 129 -17.15 3.91 19.25
N ILE B 130 -17.44 5.21 19.30
CA ILE B 130 -16.39 6.21 19.47
C ILE B 130 -15.55 5.89 20.70
N ARG B 131 -16.21 5.56 21.82
CA ARG B 131 -15.54 5.29 23.08
C ARG B 131 -14.67 4.04 23.03
N LYS B 132 -14.91 3.12 22.10
CA LYS B 132 -14.01 2.00 21.92
C LYS B 132 -12.76 2.39 21.15
N ILE B 133 -12.89 3.41 20.30
CA ILE B 133 -11.75 3.84 19.51
C ILE B 133 -10.91 4.81 20.32
N VAL B 134 -11.58 5.64 21.12
CA VAL B 134 -10.92 6.55 22.05
C VAL B 134 -11.18 6.01 23.45
N ARG B 135 -10.21 5.29 24.02
CA ARG B 135 -10.41 4.62 25.30
C ARG B 135 -10.08 5.59 26.43
N LYS B 136 -11.14 6.03 27.15
CA LYS B 136 -10.99 6.82 28.38
C LYS B 136 -12.27 6.59 29.17
N ASP B 137 -12.40 5.38 29.71
CA ASP B 137 -13.70 4.85 30.09
C ASP B 137 -14.36 5.62 31.22
N GLU B 138 -13.61 6.43 31.96
CA GLU B 138 -14.19 7.17 33.08
C GLU B 138 -14.98 8.39 32.62
N ASN B 139 -14.98 8.71 31.34
CA ASN B 139 -15.76 9.83 30.82
C ASN B 139 -16.71 9.36 29.72
N GLN B 140 -17.82 10.08 29.58
CA GLN B 140 -18.87 9.69 28.67
C GLN B 140 -18.70 10.32 27.30
N PHE B 141 -17.76 11.26 27.21
CA PHE B 141 -17.40 12.06 26.06
C PHE B 141 -15.98 11.65 25.70
N SER B 142 -15.54 11.99 24.49
CA SER B 142 -14.22 11.53 24.03
C SER B 142 -13.35 12.65 23.50
N TYR B 143 -12.12 12.69 23.96
CA TYR B 143 -11.19 13.72 23.53
C TYR B 143 -10.37 13.25 22.35
N VAL B 144 -10.26 14.08 21.32
CA VAL B 144 -9.42 13.88 20.16
C VAL B 144 -8.67 15.19 19.92
N ASP B 145 -7.41 15.09 19.47
CA ASP B 145 -6.67 16.26 18.95
C ASP B 145 -5.89 15.95 17.65
N SER B 146 -5.21 16.98 17.12
CA SER B 146 -4.50 16.87 15.86
C SER B 146 -3.43 15.79 15.93
N SER B 147 -2.82 15.58 17.09
CA SER B 147 -1.54 14.86 17.11
C SER B 147 -1.67 13.40 17.56
N MET B 148 -2.82 12.98 18.05
CA MET B 148 -3.00 11.58 18.40
C MET B 148 -2.67 10.68 17.22
N THR B 149 -1.90 9.66 17.46
CA THR B 149 -1.58 8.65 16.48
C THR B 149 -2.49 7.44 16.67
N THR B 150 -2.58 6.62 15.63
CA THR B 150 -3.45 5.45 15.66
C THR B 150 -2.69 4.21 16.11
N VAL B 151 -3.44 3.19 16.53
CA VAL B 151 -2.83 1.91 16.91
C VAL B 151 -1.89 1.45 15.81
N GLN B 152 -2.34 1.49 14.56
CA GLN B 152 -1.50 1.00 13.47
C GLN B 152 -0.30 1.90 13.23
N GLU B 153 -0.42 3.21 13.49
CA GLU B 153 0.75 4.08 13.38
C GLU B 153 1.81 3.69 14.40
N ASN B 154 1.37 3.29 15.61
CA ASN B 154 2.30 2.88 16.66
C ASN B 154 3.03 1.58 16.30
N GLU B 155 2.42 0.74 15.47
CA GLU B 155 3.04 -0.50 15.04
C GLU B 155 4.07 -0.30 13.93
N LEU B 156 4.25 0.94 13.46
CA LEU B 156 5.21 1.24 12.40
C LEU B 156 6.11 2.39 12.82
N SER B 161 3.83 6.96 20.79
CA SER B 161 4.19 5.66 21.35
C SER B 161 3.42 5.40 22.64
N ASP B 162 2.52 6.33 22.98
CA ASP B 162 1.76 6.26 24.22
C ASP B 162 0.43 5.57 23.94
N PRO B 163 0.23 4.33 24.37
CA PRO B 163 -0.99 3.61 23.95
C PRO B 163 -2.28 4.16 24.54
N ALA B 164 -2.23 4.79 25.72
CA ALA B 164 -3.47 5.27 26.33
C ALA B 164 -4.11 6.39 25.52
N HIS B 165 -3.30 7.17 24.80
CA HIS B 165 -3.73 8.36 24.08
C HIS B 165 -3.81 8.11 22.58
N SER B 166 -4.12 6.88 22.18
CA SER B 166 -4.14 6.51 20.77
C SER B 166 -5.56 6.49 20.25
N LEU B 167 -5.67 6.42 18.93
CA LEU B 167 -6.94 6.16 18.26
C LEU B 167 -6.95 4.70 17.82
N ASN B 168 -7.74 3.87 18.50
N ASN B 168 -7.78 3.89 18.48
CA ASN B 168 -7.80 2.42 18.24
CA ASN B 168 -7.88 2.43 18.25
C ASN B 168 -8.75 2.08 17.09
C ASN B 168 -8.82 2.10 17.09
N TYR B 169 -8.45 2.62 15.91
CA TYR B 169 -9.18 2.32 14.70
C TYR B 169 -8.94 0.85 14.38
N THR B 170 -9.78 0.28 13.57
CA THR B 170 -9.60 -1.10 13.12
C THR B 170 -8.45 -1.20 12.15
N VAL B 171 -7.48 -2.09 12.39
CA VAL B 171 -6.33 -2.11 11.52
C VAL B 171 -6.65 -2.81 10.19
N ILE B 172 -6.38 -2.11 9.10
CA ILE B 172 -6.58 -2.56 7.74
C ILE B 172 -5.22 -2.52 7.06
N ASN B 173 -4.80 -3.65 6.50
CA ASN B 173 -3.48 -3.75 5.87
C ASN B 173 -3.55 -4.80 4.77
N PHE B 174 -3.34 -4.31 3.55
CA PHE B 174 -3.68 -5.06 2.35
C PHE B 174 -2.63 -6.11 2.10
N LYS B 175 -1.52 -6.03 2.80
CA LYS B 175 -0.42 -6.97 2.62
C LYS B 175 -0.12 -7.57 3.98
N SER B 176 -1.08 -8.37 4.46
CA SER B 176 -1.10 -8.95 5.78
C SER B 176 -1.72 -10.33 5.63
N ARG B 177 -1.35 -11.21 6.55
CA ARG B 177 -1.96 -12.52 6.50
C ARG B 177 -3.46 -12.46 6.72
N GLU B 178 -3.94 -11.55 7.56
CA GLU B 178 -5.39 -11.46 7.74
C GLU B 178 -6.08 -11.21 6.41
N ALA B 179 -5.45 -10.41 5.56
CA ALA B 179 -6.07 -9.94 4.33
C ALA B 179 -5.97 -10.96 3.20
N ILE B 180 -5.07 -11.93 3.31
CA ILE B 180 -4.65 -12.81 2.20
C ILE B 180 -4.76 -14.25 2.65
N ARG B 181 -5.58 -15.02 1.99
CA ARG B 181 -5.68 -16.42 2.33
C ARG B 181 -4.53 -17.21 1.71
N PRO B 182 -3.85 -18.06 2.46
CA PRO B 182 -2.83 -18.92 1.87
C PRO B 182 -3.42 -19.64 0.68
N GLY B 183 -2.75 -19.55 -0.46
CA GLY B 183 -3.20 -20.18 -1.68
C GLY B 183 -4.14 -19.35 -2.52
N HIS B 184 -4.60 -18.20 -2.02
CA HIS B 184 -5.40 -17.28 -2.80
C HIS B 184 -4.69 -15.95 -2.93
N GLU B 185 -3.36 -15.98 -2.83
CA GLU B 185 -2.56 -14.76 -2.76
C GLU B 185 -2.93 -13.75 -3.86
N MET B 186 -2.77 -14.16 -5.11
CA MET B 186 -3.15 -13.25 -6.18
C MET B 186 -4.63 -12.91 -6.12
N GLU B 187 -5.50 -13.91 -5.98
CA GLU B 187 -6.94 -13.63 -5.97
C GLU B 187 -7.29 -12.59 -4.91
N ASP B 188 -6.80 -12.78 -3.70
CA ASP B 188 -7.19 -11.96 -2.56
C ASP B 188 -6.55 -10.59 -2.59
N PHE B 189 -5.40 -10.46 -3.24
CA PHE B 189 -4.74 -9.16 -3.32
C PHE B 189 -5.36 -8.30 -4.39
N LEU B 190 -5.82 -8.91 -5.49
CA LEU B 190 -6.37 -8.14 -6.59
C LEU B 190 -7.87 -7.91 -6.42
N ASP B 191 -8.53 -8.71 -5.57
CA ASP B 191 -9.96 -8.60 -5.31
C ASP B 191 -10.15 -8.84 -3.82
N LYS B 192 -10.36 -7.76 -3.10
CA LYS B 192 -10.31 -7.83 -1.65
C LYS B 192 -11.65 -8.20 -1.02
N SER B 193 -12.59 -8.76 -1.82
CA SER B 193 -13.92 -9.06 -1.30
C SER B 193 -13.85 -9.99 -0.09
N TYR B 194 -12.94 -10.97 -0.06
N TYR B 194 -12.97 -11.00 -0.09
N TYR B 194 -12.98 -10.99 -0.08
CA TYR B 194 -12.91 -11.85 1.11
CA TYR B 194 -12.81 -11.86 1.07
CA TYR B 194 -12.86 -11.86 1.08
C TYR B 194 -12.45 -11.10 2.35
C TYR B 194 -12.49 -11.04 2.31
C TYR B 194 -12.50 -11.05 2.31
N TYR B 195 -11.52 -10.16 2.18
CA TYR B 195 -11.08 -9.34 3.29
C TYR B 195 -12.21 -8.43 3.73
N LEU B 196 -12.93 -7.81 2.79
CA LEU B 196 -14.08 -6.93 3.17
C LEU B 196 -15.15 -7.72 3.87
N ASN B 197 -15.66 -8.72 3.18
CA ASN B 197 -16.94 -9.32 3.50
C ASN B 197 -16.85 -10.31 4.64
N THR B 198 -15.86 -11.22 4.57
CA THR B 198 -15.63 -12.24 5.59
C THR B 198 -14.83 -11.71 6.78
N VAL B 199 -13.62 -11.20 6.54
CA VAL B 199 -12.74 -10.79 7.65
C VAL B 199 -13.33 -9.58 8.37
N MET B 200 -13.59 -8.51 7.64
CA MET B 200 -13.94 -7.24 8.30
C MET B 200 -15.44 -7.15 8.60
N LEU B 201 -16.26 -7.25 7.57
CA LEU B 201 -17.71 -7.13 7.77
C LEU B 201 -18.27 -8.24 8.68
N GLN B 202 -18.14 -9.51 8.28
N GLN B 202 -18.15 -9.50 8.27
CA GLN B 202 -18.66 -10.60 9.11
CA GLN B 202 -18.67 -10.59 9.13
C GLN B 202 -17.86 -10.74 10.40
C GLN B 202 -17.86 -10.74 10.41
N GLY B 203 -16.54 -10.69 10.32
CA GLY B 203 -15.72 -11.04 11.47
C GLY B 203 -15.52 -9.94 12.49
N ILE B 204 -15.25 -8.73 12.03
CA ILE B 204 -14.82 -7.70 12.96
C ILE B 204 -15.92 -6.67 13.25
N PHE B 205 -16.46 -6.09 12.18
CA PHE B 205 -17.46 -5.03 12.31
C PHE B 205 -18.86 -5.57 12.53
N LYS B 206 -19.14 -6.81 12.10
CA LYS B 206 -20.42 -7.49 12.28
C LYS B 206 -21.45 -7.05 11.24
N ASN B 207 -21.54 -5.76 10.96
CA ASN B 207 -22.46 -5.25 9.94
C ASN B 207 -21.85 -4.03 9.26
N SER B 208 -22.55 -3.57 8.21
CA SER B 208 -22.02 -2.51 7.38
C SER B 208 -22.18 -1.19 8.10
N SER B 209 -23.13 -1.12 9.01
CA SER B 209 -23.34 0.12 9.73
C SER B 209 -22.17 0.46 10.63
N ASN B 210 -21.68 -0.50 11.42
CA ASN B 210 -20.48 -0.26 12.22
C ASN B 210 -19.27 0.11 11.35
N TYR B 211 -19.09 -0.60 10.21
CA TYR B 211 -18.06 -0.23 9.25
C TYR B 211 -18.22 1.22 8.81
N PHE B 212 -19.39 1.56 8.34
CA PHE B 212 -19.58 2.94 7.89
C PHE B 212 -19.40 3.94 9.01
N GLY B 213 -19.67 3.56 10.26
CA GLY B 213 -19.54 4.50 11.35
C GLY B 213 -18.09 4.81 11.68
N GLU B 214 -17.25 3.78 11.71
CA GLU B 214 -15.82 4.05 11.82
C GLU B 214 -15.33 4.96 10.70
N LEU B 215 -15.67 4.65 9.43
CA LEU B 215 -15.30 5.47 8.28
C LEU B 215 -15.74 6.92 8.42
N GLN B 216 -17.01 7.17 8.78
CA GLN B 216 -17.41 8.56 9.05
C GLN B 216 -16.68 9.17 10.23
N PHE B 217 -16.41 8.41 11.30
CA PHE B 217 -15.65 9.00 12.42
C PHE B 217 -14.22 9.39 11.99
N ALA B 218 -13.55 8.49 11.25
CA ALA B 218 -12.20 8.77 10.78
C ALA B 218 -12.22 10.02 9.93
N PHE B 219 -13.20 10.11 8.99
CA PHE B 219 -13.28 11.30 8.14
C PHE B 219 -13.44 12.56 8.99
N LEU B 220 -14.26 12.49 10.01
CA LEU B 220 -14.56 13.71 10.78
C LEU B 220 -13.35 14.15 11.61
N ASN B 221 -12.60 13.17 12.11
CA ASN B 221 -11.42 13.51 12.90
CA ASN B 221 -11.42 13.49 12.91
C ASN B 221 -10.33 14.10 12.02
N ALA B 222 -10.20 13.57 10.79
CA ALA B 222 -9.32 14.13 9.78
C ALA B 222 -9.68 15.58 9.46
N MET B 223 -10.95 15.86 9.20
CA MET B 223 -11.32 17.19 8.76
C MET B 223 -11.26 18.18 9.91
N PHE B 224 -11.81 17.79 11.05
CA PHE B 224 -11.89 18.80 12.09
C PHE B 224 -10.57 18.98 12.83
N PHE B 225 -9.75 17.93 13.03
CA PHE B 225 -8.44 18.04 13.76
C PHE B 225 -7.20 17.93 12.84
N GLY B 226 -7.38 17.77 11.52
CA GLY B 226 -6.26 17.42 10.67
C GLY B 226 -5.43 16.27 11.19
N ASN B 227 -6.09 15.27 11.77
CA ASN B 227 -5.45 14.07 12.28
C ASN B 227 -5.07 13.14 11.14
N TYR B 228 -3.78 12.99 10.95
CA TYR B 228 -3.28 12.35 9.75
C TYR B 228 -3.67 10.90 9.74
N GLY B 229 -3.60 10.23 10.89
CA GLY B 229 -3.84 8.78 10.93
C GLY B 229 -5.31 8.50 10.78
N SER B 230 -6.12 9.45 11.20
CA SER B 230 -7.53 9.43 10.81
C SER B 230 -7.75 9.47 9.29
N SER B 231 -7.11 10.41 8.57
CA SER B 231 -7.28 10.46 7.12
C SER B 231 -6.85 9.13 6.49
N LEU B 232 -5.72 8.60 6.94
CA LEU B 232 -5.27 7.29 6.46
C LEU B 232 -6.36 6.24 6.63
N GLN B 233 -7.06 6.23 7.75
CA GLN B 233 -8.03 5.20 8.03
C GLN B 233 -9.25 5.35 7.12
N TRP B 234 -9.74 6.59 6.97
CA TRP B 234 -10.82 6.90 6.03
C TRP B 234 -10.47 6.37 4.66
N HIS B 235 -9.25 6.72 4.16
CA HIS B 235 -8.86 6.30 2.82
C HIS B 235 -8.76 4.78 2.71
N ALA B 236 -8.22 4.12 3.75
CA ALA B 236 -8.09 2.67 3.70
C ALA B 236 -9.48 2.02 3.59
N MET B 237 -10.43 2.49 4.41
CA MET B 237 -11.77 1.89 4.41
C MET B 237 -12.53 2.11 3.11
N ILE B 238 -12.32 3.23 2.44
CA ILE B 238 -12.82 3.45 1.10
C ILE B 238 -12.14 2.48 0.16
N GLU B 239 -10.83 2.45 0.20
CA GLU B 239 -10.12 1.61 -0.76
C GLU B 239 -10.55 0.16 -0.61
N LEU B 240 -10.75 -0.33 0.62
CA LEU B 240 -11.07 -1.75 0.76
C LEU B 240 -12.36 -2.10 0.08
N ILE B 241 -13.35 -1.20 0.15
CA ILE B 241 -14.60 -1.39 -0.58
C ILE B 241 -14.38 -1.21 -2.06
N CYS B 242 -13.66 -0.17 -2.44
CA CYS B 242 -13.59 0.11 -3.87
C CYS B 242 -12.86 -0.99 -4.58
N SER B 243 -11.96 -1.70 -3.87
CA SER B 243 -11.12 -2.78 -4.41
C SER B 243 -11.69 -4.18 -4.22
N SER B 244 -12.95 -4.30 -3.83
CA SER B 244 -13.63 -5.58 -3.67
C SER B 244 -14.56 -5.68 -4.86
N ALA B 245 -14.49 -6.81 -5.58
CA ALA B 245 -15.39 -7.00 -6.71
C ALA B 245 -16.82 -7.31 -6.27
N THR B 246 -16.99 -7.87 -5.07
CA THR B 246 -18.29 -8.30 -4.57
C THR B 246 -18.65 -7.49 -3.33
N VAL B 247 -19.55 -6.57 -3.53
CA VAL B 247 -19.98 -5.71 -2.44
C VAL B 247 -21.51 -5.67 -2.51
N PRO B 248 -22.19 -5.94 -1.42
CA PRO B 248 -23.65 -5.76 -1.42
C PRO B 248 -24.05 -4.42 -2.02
N LYS B 249 -25.17 -4.43 -2.76
CA LYS B 249 -25.58 -3.29 -3.56
C LYS B 249 -25.92 -2.13 -2.66
N HIS B 250 -26.55 -2.45 -1.53
CA HIS B 250 -26.95 -1.43 -0.57
C HIS B 250 -25.73 -0.77 0.05
N MET B 251 -24.62 -1.49 0.20
CA MET B 251 -23.43 -0.83 0.72
C MET B 251 -22.85 0.17 -0.26
N LEU B 252 -22.81 -0.17 -1.55
CA LEU B 252 -22.26 0.76 -2.51
C LEU B 252 -23.12 2.01 -2.61
N ASP B 253 -24.45 1.84 -2.57
CA ASP B 253 -25.33 3.01 -2.67
C ASP B 253 -25.11 3.96 -1.48
N LYS B 254 -25.03 3.41 -0.28
CA LYS B 254 -24.81 4.22 0.90
C LYS B 254 -23.41 4.82 0.90
N LEU B 255 -22.41 4.02 0.54
CA LEU B 255 -21.07 4.59 0.38
C LEU B 255 -21.10 5.84 -0.52
N ASP B 256 -21.77 5.74 -1.70
CA ASP B 256 -21.82 6.90 -2.61
C ASP B 256 -22.41 8.13 -1.92
N GLU B 257 -23.47 7.93 -1.13
CA GLU B 257 -24.07 9.03 -0.39
C GLU B 257 -23.15 9.55 0.70
N ILE B 258 -22.55 8.62 1.44
CA ILE B 258 -21.67 9.00 2.54
C ILE B 258 -20.55 9.89 2.03
N LEU B 259 -19.86 9.42 1.00
CA LEU B 259 -18.71 10.13 0.49
C LEU B 259 -19.14 11.43 -0.13
N TYR B 260 -20.31 11.41 -0.77
CA TYR B 260 -20.81 12.59 -1.44
C TYR B 260 -20.81 13.74 -0.47
N TYR B 261 -21.42 13.52 0.70
CA TYR B 261 -21.51 14.61 1.67
C TYR B 261 -20.18 14.93 2.33
N GLN B 262 -19.33 13.92 2.54
CA GLN B 262 -17.97 14.21 3.04
C GLN B 262 -17.30 15.17 2.09
N ILE B 263 -17.34 14.85 0.79
CA ILE B 263 -16.68 15.67 -0.21
C ILE B 263 -17.36 17.03 -0.27
N LYS B 264 -18.68 17.05 -0.20
CA LYS B 264 -19.35 18.36 -0.20
C LYS B 264 -18.90 19.22 0.97
N THR B 265 -18.69 18.60 2.13
CA THR B 265 -18.43 19.37 3.35
C THR B 265 -16.98 19.79 3.49
N LEU B 266 -16.07 19.10 2.84
CA LEU B 266 -14.65 19.39 3.00
C LEU B 266 -14.35 20.82 2.56
N PRO B 267 -13.64 21.61 3.37
CA PRO B 267 -13.20 22.93 2.91
C PRO B 267 -12.44 22.83 1.61
N GLU B 268 -12.73 23.75 0.69
CA GLU B 268 -12.08 23.74 -0.62
C GLU B 268 -10.56 23.89 -0.49
N GLN B 269 -10.10 24.64 0.51
CA GLN B 269 -8.68 24.93 0.68
C GLN B 269 -7.92 23.81 1.36
N TYR B 270 -8.60 22.83 1.95
CA TYR B 270 -7.94 21.73 2.62
C TYR B 270 -7.87 20.47 1.76
N SER B 271 -8.35 20.54 0.52
CA SER B 271 -8.39 19.33 -0.28
C SER B 271 -6.99 18.79 -0.51
N ASP B 272 -5.98 19.66 -0.58
CA ASP B 272 -4.66 19.24 -0.99
C ASP B 272 -4.03 18.28 0.02
N ILE B 273 -4.41 18.37 1.29
CA ILE B 273 -3.80 17.54 2.33
C ILE B 273 -4.72 16.42 2.80
N LEU B 274 -6.04 16.60 2.71
CA LEU B 274 -6.98 15.62 3.23
C LEU B 274 -7.40 14.60 2.20
N LEU B 275 -7.03 14.77 0.93
CA LEU B 275 -7.47 13.86 -0.10
C LEU B 275 -6.27 13.22 -0.79
N ASN B 276 -6.27 11.88 -0.84
CA ASN B 276 -5.17 11.08 -1.38
C ASN B 276 -5.42 10.82 -2.87
N GLU B 277 -4.70 11.55 -3.72
CA GLU B 277 -4.87 11.44 -5.17
C GLU B 277 -4.92 9.98 -5.64
N ARG B 278 -4.02 9.15 -5.11
CA ARG B 278 -3.93 7.78 -5.59
C ARG B 278 -5.21 7.02 -5.28
N VAL B 279 -5.63 7.04 -4.02
CA VAL B 279 -6.84 6.32 -3.64
C VAL B 279 -8.03 6.81 -4.47
N TRP B 280 -8.19 8.13 -4.61
CA TRP B 280 -9.41 8.63 -5.25
C TRP B 280 -9.41 8.28 -6.73
N ASN B 281 -8.30 8.51 -7.43
CA ASN B 281 -8.25 8.19 -8.86
C ASN B 281 -8.43 6.70 -9.06
N ILE B 282 -7.80 5.89 -8.21
CA ILE B 282 -7.99 4.44 -8.26
C ILE B 282 -9.46 4.09 -8.04
N CYS B 283 -10.03 4.55 -6.93
CA CYS B 283 -11.41 4.19 -6.62
C CYS B 283 -12.36 4.61 -7.74
N LEU B 284 -12.19 5.81 -8.28
CA LEU B 284 -13.17 6.38 -9.21
C LEU B 284 -12.98 5.88 -10.64
N TYR B 285 -11.79 5.47 -11.00
CA TYR B 285 -11.45 5.27 -12.40
C TYR B 285 -10.83 3.92 -12.70
N SER B 286 -10.34 3.20 -11.73
CA SER B 286 -9.69 1.93 -12.00
C SER B 286 -10.33 0.75 -11.29
N SER B 287 -10.94 0.96 -10.14
CA SER B 287 -11.33 -0.13 -9.27
C SER B 287 -12.59 -0.82 -9.81
N PHE B 288 -12.87 -1.99 -9.24
CA PHE B 288 -14.12 -2.68 -9.52
C PHE B 288 -15.32 -1.74 -9.44
N GLN B 289 -15.31 -0.81 -8.49
CA GLN B 289 -16.48 0.04 -8.22
C GLN B 289 -16.41 1.39 -8.92
N LYS B 290 -15.51 1.51 -9.91
CA LYS B 290 -15.34 2.74 -10.67
C LYS B 290 -16.64 3.28 -11.27
N ASN B 291 -17.67 2.45 -11.39
CA ASN B 291 -18.92 2.90 -12.00
C ASN B 291 -20.06 2.91 -11.01
N SER B 292 -19.76 2.75 -9.73
CA SER B 292 -20.80 2.55 -8.72
C SER B 292 -20.93 3.72 -7.76
N LEU B 293 -20.16 4.79 -7.95
CA LEU B 293 -20.13 5.96 -7.05
C LEU B 293 -20.52 7.17 -7.88
N HIS B 294 -21.73 7.15 -8.38
CA HIS B 294 -22.08 8.17 -9.36
C HIS B 294 -22.15 9.54 -8.74
N ASN B 295 -22.73 9.66 -7.54
CA ASN B 295 -22.80 10.98 -6.93
C ASN B 295 -21.42 11.42 -6.49
N THR B 296 -20.67 10.49 -5.92
CA THR B 296 -19.33 10.84 -5.43
C THR B 296 -18.45 11.30 -6.58
N GLU B 297 -18.49 10.57 -7.69
CA GLU B 297 -17.65 10.92 -8.84
C GLU B 297 -18.08 12.26 -9.44
N LYS B 298 -19.38 12.57 -9.44
CA LYS B 298 -19.79 13.82 -10.06
C LYS B 298 -19.35 15.03 -9.26
N ILE B 299 -19.49 14.97 -7.94
CA ILE B 299 -19.08 16.11 -7.13
C ILE B 299 -17.56 16.23 -7.15
N MET B 300 -16.89 15.11 -7.13
CA MET B 300 -15.42 15.12 -7.11
C MET B 300 -14.86 15.79 -8.35
N GLU B 301 -15.40 15.41 -9.54
CA GLU B 301 -14.98 16.00 -10.81
C GLU B 301 -15.42 17.45 -10.97
N ASN B 302 -16.47 17.90 -10.31
CA ASN B 302 -16.84 19.31 -10.45
C ASN B 302 -16.16 20.23 -9.44
N LYS B 303 -15.65 19.68 -8.34
CA LYS B 303 -15.11 20.46 -7.24
C LYS B 303 -13.61 20.33 -7.12
N TYR B 304 -13.07 19.15 -7.41
CA TYR B 304 -11.62 18.92 -7.34
C TYR B 304 -11.13 18.20 -8.59
N PRO B 305 -11.40 18.73 -9.79
CA PRO B 305 -10.84 18.09 -11.00
C PRO B 305 -9.32 18.09 -11.05
N GLU B 306 -8.66 19.03 -10.37
CA GLU B 306 -7.21 19.05 -10.34
C GLU B 306 -6.67 17.74 -9.80
N LEU B 307 -7.21 17.28 -8.68
CA LEU B 307 -6.81 16.00 -8.12
C LEU B 307 -6.93 14.85 -9.11
N LEU B 308 -7.74 14.99 -10.15
CA LEU B 308 -7.98 13.89 -11.07
C LEU B 308 -7.52 14.31 -12.47
N1 VGU C . 29.20 -27.41 -4.12
C7 VGU C . 27.77 -27.12 -6.10
C8 VGU C . 28.34 -28.04 -5.05
O1 VGU C . 28.11 -29.25 -4.99
C1 VGU C . 22.62 -25.03 -8.40
C5 VGU C . 22.24 -25.77 -6.23
C6 VGU C . 25.79 -26.24 -7.14
C4 VGU C . 23.54 -26.18 -6.17
C3 VGU C . 24.33 -25.99 -7.20
C2 VGU C . 23.88 -25.43 -8.35
O2 VGU C . 30.42 -27.09 -4.58
N VGU C . 26.32 -26.93 -6.08
O VGU C . 26.50 -25.78 -7.98
C VGU C . 21.77 -25.19 -7.34
#